data_7Q9N
#
_entry.id   7Q9N
#
_cell.length_a   42.545
_cell.length_b   63.876
_cell.length_c   85.137
_cell.angle_alpha   90.000
_cell.angle_beta   90.000
_cell.angle_gamma   90.000
#
_symmetry.space_group_name_H-M   'P 21 2 21'
#
loop_
_entity.id
_entity.type
_entity.pdbx_description
1 polymer Transthyretin
2 non-polymer 4-[(~{E})-2-naphthalen-2-ylethenyl]benzene-1,2-diol
3 water water
#
_entity_poly.entity_id   1
_entity_poly.type   'polypeptide(L)'
_entity_poly.pdbx_seq_one_letter_code
;KCPLMVKVLDAVRGSPAINVAVHVFRKAADDTWEPFASGKTSESGELHGLTTEEEFVEGIYKVEIDTKSYWKALGISPFH
EHAEVVFTANDSGPRRYTIAALLSPYSYSTTAVVTNPKE
;
_entity_poly.pdbx_strand_id   A,B
#
loop_
_chem_comp.id
_chem_comp.type
_chem_comp.name
_chem_comp.formula
9PS non-polymer 4-[(~{E})-2-naphthalen-2-ylethenyl]benzene-1,2-diol 'C18 H14 O2'
#
# COMPACT_ATOMS: atom_id res chain seq x y z
N PRO A 3 -9.85 18.53 -6.22
CA PRO A 3 -8.62 17.99 -6.81
C PRO A 3 -8.32 16.57 -6.33
N LEU A 4 -8.81 16.19 -5.15
CA LEU A 4 -8.49 14.86 -4.57
C LEU A 4 -9.75 14.21 -4.00
N MET A 5 -10.09 13.03 -4.49
CA MET A 5 -11.26 12.28 -4.02
C MET A 5 -10.76 10.87 -3.71
N VAL A 6 -11.30 10.25 -2.68
CA VAL A 6 -10.96 8.87 -2.31
C VAL A 6 -12.25 8.05 -2.35
N LYS A 7 -12.21 6.90 -2.96
CA LYS A 7 -13.36 5.97 -3.09
C LYS A 7 -12.93 4.59 -2.57
N VAL A 8 -13.68 4.03 -1.65
CA VAL A 8 -13.34 2.73 -1.01
C VAL A 8 -14.51 1.78 -1.18
N LEU A 9 -14.20 0.59 -1.66
CA LEU A 9 -15.18 -0.48 -1.93
C LEU A 9 -14.82 -1.74 -1.14
N ASP A 10 -15.84 -2.51 -0.81
CA ASP A 10 -15.74 -3.75 -0.02
C ASP A 10 -16.05 -4.93 -0.95
N ALA A 11 -15.06 -5.77 -1.15
CA ALA A 11 -15.12 -6.93 -2.06
C ALA A 11 -15.78 -8.14 -1.40
N VAL A 12 -16.03 -8.09 -0.10
CA VAL A 12 -16.65 -9.21 0.63
C VAL A 12 -18.18 -9.07 0.57
N ARG A 13 -18.66 -7.88 0.83
CA ARG A 13 -20.10 -7.58 0.91
C ARG A 13 -20.60 -6.99 -0.40
N GLY A 14 -19.73 -6.58 -1.32
CA GLY A 14 -20.18 -5.99 -2.59
C GLY A 14 -20.86 -4.66 -2.38
N SER A 15 -20.18 -3.76 -1.68
CA SER A 15 -20.80 -2.51 -1.19
C SER A 15 -19.73 -1.44 -1.12
N PRO A 16 -20.13 -0.16 -1.06
CA PRO A 16 -19.19 0.86 -0.66
C PRO A 16 -18.69 0.51 0.75
N ALA A 17 -17.45 0.92 1.06
CA ALA A 17 -16.89 0.81 2.43
C ALA A 17 -17.21 2.12 3.16
N ILE A 18 -18.21 2.07 4.03
CA ILE A 18 -18.80 3.22 4.73
C ILE A 18 -18.08 3.49 6.06
N ASN A 19 -17.89 4.77 6.38
CA ASN A 19 -17.33 5.23 7.68
C ASN A 19 -15.93 4.69 7.89
N VAL A 20 -15.15 4.61 6.83
CA VAL A 20 -13.70 4.27 6.86
C VAL A 20 -12.91 5.54 7.10
N ALA A 21 -12.05 5.57 8.10
CA ALA A 21 -11.16 6.73 8.35
C ALA A 21 -10.07 6.75 7.28
N VAL A 22 -9.85 7.93 6.73
CA VAL A 22 -8.81 8.17 5.73
C VAL A 22 -7.98 9.38 6.16
N HIS A 23 -6.67 9.22 6.19
CA HIS A 23 -5.71 10.30 6.51
C HIS A 23 -4.81 10.56 5.32
N VAL A 24 -4.67 11.81 4.96
CA VAL A 24 -3.74 12.24 3.87
C VAL A 24 -2.59 13.00 4.53
N PHE A 25 -1.38 12.64 4.15
CA PHE A 25 -0.12 13.27 4.61
C PHE A 25 0.61 13.82 3.38
N ARG A 26 1.39 14.87 3.62
CA ARG A 26 2.30 15.44 2.61
C ARG A 26 3.73 15.30 3.13
N LYS A 27 4.65 14.85 2.27
CA LYS A 27 6.07 14.71 2.69
C LYS A 27 6.67 16.10 2.86
N ALA A 28 7.23 16.37 4.04
CA ALA A 28 7.88 17.65 4.38
C ALA A 28 9.34 17.60 3.94
N ALA A 29 10.02 18.75 3.97
CA ALA A 29 11.42 18.91 3.57
C ALA A 29 12.31 17.96 4.37
N ASP A 30 11.95 17.66 5.63
CA ASP A 30 12.71 16.78 6.58
C ASP A 30 12.44 15.29 6.30
N ASP A 31 11.67 14.97 5.25
CA ASP A 31 11.34 13.58 4.82
C ASP A 31 10.35 12.93 5.79
N THR A 32 9.71 13.70 6.68
CA THR A 32 8.64 13.21 7.59
C THR A 32 7.27 13.45 6.94
N TRP A 33 6.25 12.76 7.44
CA TRP A 33 4.86 12.84 6.90
C TRP A 33 4.07 13.87 7.72
N GLU A 34 3.75 15.01 7.13
CA GLU A 34 2.93 16.08 7.78
C GLU A 34 1.46 15.80 7.51
N PRO A 35 0.59 15.79 8.55
CA PRO A 35 -0.85 15.71 8.32
C PRO A 35 -1.29 16.82 7.35
N PHE A 36 -2.15 16.44 6.41
CA PHE A 36 -2.62 17.32 5.31
C PHE A 36 -4.15 17.44 5.29
N ALA A 37 -4.88 16.32 5.41
CA ALA A 37 -6.37 16.25 5.25
C ALA A 37 -6.80 14.92 5.84
N SER A 38 -8.03 14.85 6.34
CA SER A 38 -8.59 13.55 6.72
C SER A 38 -10.11 13.61 6.76
N GLY A 39 -10.71 12.44 6.85
CA GLY A 39 -12.17 12.36 6.97
C GLY A 39 -12.60 10.91 7.05
N LYS A 40 -13.90 10.67 6.97
CA LYS A 40 -14.50 9.34 6.95
C LYS A 40 -15.29 9.19 5.66
N THR A 41 -15.21 8.03 5.01
CA THR A 41 -16.01 7.80 3.78
C THR A 41 -17.51 7.88 4.10
N SER A 42 -18.25 8.36 3.13
CA SER A 42 -19.71 8.52 3.19
C SER A 42 -20.43 7.19 2.96
N GLU A 43 -21.76 7.24 2.92
CA GLU A 43 -22.62 6.08 2.57
C GLU A 43 -22.29 5.56 1.16
N SER A 44 -21.67 6.36 0.29
CA SER A 44 -21.30 5.92 -1.08
C SER A 44 -19.84 5.47 -1.10
N GLY A 45 -19.16 5.44 0.05
CA GLY A 45 -17.76 5.01 0.11
C GLY A 45 -16.79 6.10 -0.35
N GLU A 46 -17.26 7.32 -0.47
CA GLU A 46 -16.48 8.43 -1.04
C GLU A 46 -16.13 9.44 0.05
N LEU A 47 -15.00 10.09 -0.16
CA LEU A 47 -14.54 11.20 0.70
C LEU A 47 -14.16 12.31 -0.24
N HIS A 48 -14.99 13.35 -0.20
CA HIS A 48 -14.89 14.60 -0.97
C HIS A 48 -14.46 15.71 -0.01
N GLY A 49 -14.02 16.81 -0.59
CA GLY A 49 -13.74 18.05 0.15
C GLY A 49 -12.47 17.97 0.97
N LEU A 50 -11.55 17.06 0.64
CA LEU A 50 -10.29 16.92 1.43
C LEU A 50 -9.43 18.17 1.29
N THR A 51 -9.38 18.76 0.10
CA THR A 51 -8.46 19.87 -0.16
C THR A 51 -9.03 20.77 -1.24
N THR A 52 -8.27 21.82 -1.55
CA THR A 52 -8.60 22.81 -2.60
C THR A 52 -7.46 22.82 -3.60
N GLU A 53 -7.74 23.36 -4.78
CA GLU A 53 -6.68 23.52 -5.80
C GLU A 53 -5.52 24.34 -5.21
N GLU A 54 -5.80 25.38 -4.41
CA GLU A 54 -4.74 26.26 -3.87
C GLU A 54 -3.84 25.46 -2.91
N GLU A 55 -4.42 24.62 -2.08
CA GLU A 55 -3.66 23.87 -1.03
C GLU A 55 -2.91 22.69 -1.66
N PHE A 56 -3.44 22.09 -2.73
CA PHE A 56 -2.95 20.81 -3.27
C PHE A 56 -1.82 21.02 -4.27
N VAL A 57 -0.67 21.40 -3.73
CA VAL A 57 0.54 21.68 -4.56
C VAL A 57 1.26 20.39 -4.92
N GLU A 58 2.17 20.48 -5.90
CA GLU A 58 3.01 19.35 -6.28
C GLU A 58 3.74 18.84 -5.04
N GLY A 59 3.96 17.54 -4.98
CA GLY A 59 4.64 16.95 -3.82
C GLY A 59 4.31 15.49 -3.70
N ILE A 60 4.89 14.85 -2.70
CA ILE A 60 4.62 13.43 -2.43
C ILE A 60 3.54 13.40 -1.34
N TYR A 61 2.48 12.63 -1.62
CA TYR A 61 1.34 12.47 -0.70
C TYR A 61 1.18 11.00 -0.35
N LYS A 62 0.66 10.77 0.86
CA LYS A 62 0.34 9.43 1.35
C LYS A 62 -1.12 9.45 1.80
N VAL A 63 -1.91 8.54 1.24
CA VAL A 63 -3.32 8.31 1.64
C VAL A 63 -3.32 7.02 2.45
N GLU A 64 -3.62 7.14 3.72
CA GLU A 64 -3.71 6.00 4.65
C GLU A 64 -5.19 5.71 4.92
N ILE A 65 -5.61 4.51 4.61
CA ILE A 65 -7.00 4.02 4.76
C ILE A 65 -7.01 3.06 5.94
N ASP A 66 -7.82 3.35 6.97
CA ASP A 66 -7.84 2.55 8.23
C ASP A 66 -8.69 1.28 7.99
N THR A 67 -8.15 0.37 7.19
CA THR A 67 -8.80 -0.90 6.82
C THR A 67 -9.01 -1.81 8.05
N LYS A 68 -8.08 -1.79 8.99
CA LYS A 68 -8.16 -2.71 10.13
C LYS A 68 -9.43 -2.40 10.95
N SER A 69 -9.66 -1.13 11.28
CA SER A 69 -10.87 -0.72 12.06
C SER A 69 -12.14 -1.07 11.29
N TYR A 70 -12.12 -0.91 9.97
CA TYR A 70 -13.29 -1.23 9.11
C TYR A 70 -13.67 -2.71 9.25
N TRP A 71 -12.69 -3.59 9.09
CA TRP A 71 -12.95 -5.04 9.15
C TRP A 71 -13.38 -5.43 10.58
N LYS A 72 -12.69 -4.89 11.59
CA LYS A 72 -13.03 -5.23 12.98
C LYS A 72 -14.48 -4.81 13.30
N ALA A 73 -14.95 -3.68 12.77
CA ALA A 73 -16.32 -3.18 13.06
C ALA A 73 -17.35 -4.15 12.45
N LEU A 74 -16.96 -4.90 11.41
CA LEU A 74 -17.84 -5.90 10.74
C LEU A 74 -17.64 -7.28 11.36
N GLY A 75 -16.80 -7.40 12.38
CA GLY A 75 -16.54 -8.71 13.05
C GLY A 75 -15.61 -9.62 12.25
N ILE A 76 -14.81 -9.06 11.37
CA ILE A 76 -13.91 -9.84 10.44
C ILE A 76 -12.47 -9.57 10.83
N SER A 77 -11.64 -10.62 10.91
CA SER A 77 -10.21 -10.51 11.23
C SER A 77 -9.41 -10.15 9.98
N PRO A 78 -8.80 -8.96 9.96
CA PRO A 78 -8.04 -8.55 8.79
C PRO A 78 -6.54 -8.77 8.93
N PHE A 79 -5.85 -8.75 7.80
CA PHE A 79 -4.40 -8.96 7.75
C PHE A 79 -3.66 -7.62 7.95
N HIS A 80 -4.05 -6.58 7.21
CA HIS A 80 -3.23 -5.35 7.13
C HIS A 80 -3.55 -4.43 8.31
N GLU A 81 -2.55 -3.67 8.74
CA GLU A 81 -2.75 -2.56 9.71
C GLU A 81 -3.55 -1.44 9.05
N HIS A 82 -3.27 -1.16 7.79
CA HIS A 82 -3.91 -0.11 7.00
C HIS A 82 -3.53 -0.35 5.55
N ALA A 83 -4.15 0.38 4.65
CA ALA A 83 -3.76 0.45 3.24
C ALA A 83 -3.16 1.82 3.01
N GLU A 84 -1.99 1.89 2.43
CA GLU A 84 -1.25 3.16 2.18
C GLU A 84 -1.16 3.32 0.66
N VAL A 85 -1.43 4.51 0.16
CA VAL A 85 -1.26 4.85 -1.26
C VAL A 85 -0.34 6.06 -1.31
N VAL A 86 0.85 5.90 -1.86
CA VAL A 86 1.90 6.96 -1.87
C VAL A 86 2.18 7.34 -3.31
N PHE A 87 2.04 8.62 -3.62
CA PHE A 87 2.18 9.09 -5.01
C PHE A 87 2.68 10.52 -5.09
N THR A 88 3.17 10.91 -6.27
CA THR A 88 3.55 12.32 -6.56
C THR A 88 2.39 13.00 -7.27
N ALA A 89 2.06 14.20 -6.79
CA ALA A 89 1.08 15.02 -7.54
C ALA A 89 1.90 15.85 -8.54
N ASN A 90 1.54 15.76 -9.82
CA ASN A 90 2.32 16.45 -10.89
C ASN A 90 1.38 17.40 -11.63
N ASP A 91 1.77 18.67 -11.78
CA ASP A 91 0.85 19.70 -12.34
C ASP A 91 0.58 19.57 -13.84
N SER A 92 1.46 18.96 -14.62
CA SER A 92 1.19 18.73 -16.07
C SER A 92 -0.30 18.92 -16.45
N GLY A 93 -0.79 20.15 -16.58
CA GLY A 93 -2.19 20.38 -17.03
C GLY A 93 -3.24 20.29 -15.94
N PRO A 94 -4.51 20.68 -16.18
CA PRO A 94 -5.54 20.69 -15.15
C PRO A 94 -5.71 19.25 -14.68
N ARG A 95 -5.74 19.01 -13.36
CA ARG A 95 -5.75 17.58 -12.94
C ARG A 95 -6.59 17.28 -11.70
N ARG A 96 -7.46 16.28 -11.81
CA ARG A 96 -8.28 15.76 -10.69
C ARG A 96 -7.79 14.33 -10.43
N TYR A 97 -7.55 14.00 -9.17
CA TYR A 97 -7.07 12.69 -8.75
C TYR A 97 -8.16 11.98 -7.97
N THR A 98 -8.55 10.80 -8.44
CA THR A 98 -9.39 9.86 -7.68
C THR A 98 -8.51 8.67 -7.30
N ILE A 99 -8.38 8.46 -5.99
CA ILE A 99 -7.67 7.28 -5.43
C ILE A 99 -8.75 6.28 -5.04
N ALA A 100 -8.80 5.16 -5.73
CA ALA A 100 -9.80 4.13 -5.45
C ALA A 100 -9.11 2.94 -4.79
N ALA A 101 -9.78 2.32 -3.84
CA ALA A 101 -9.28 1.10 -3.18
C ALA A 101 -10.42 0.10 -3.04
N LEU A 102 -10.11 -1.14 -3.34
CA LEU A 102 -11.03 -2.27 -3.25
C LEU A 102 -10.47 -3.21 -2.19
N LEU A 103 -11.22 -3.42 -1.12
CA LEU A 103 -10.72 -4.09 0.09
C LEU A 103 -11.25 -5.53 0.25
N SER A 104 -10.35 -6.41 0.63
CA SER A 104 -10.66 -7.76 1.16
C SER A 104 -9.88 -7.95 2.43
N PRO A 105 -10.22 -8.96 3.26
CA PRO A 105 -9.52 -9.08 4.52
C PRO A 105 -7.99 -9.28 4.38
N TYR A 106 -7.55 -10.03 3.37
CA TYR A 106 -6.11 -10.34 3.16
C TYR A 106 -5.57 -9.71 1.89
N SER A 107 -6.29 -8.77 1.27
N SER A 107 -6.34 -8.81 1.35
CA SER A 107 -5.85 -8.19 0.00
CA SER A 107 -5.90 -8.22 0.08
C SER A 107 -6.45 -6.80 -0.18
C SER A 107 -6.50 -6.84 -0.09
N TYR A 108 -5.78 -5.97 -0.95
CA TYR A 108 -6.44 -4.79 -1.50
C TYR A 108 -5.82 -4.45 -2.84
N SER A 109 -6.61 -3.81 -3.64
CA SER A 109 -6.25 -3.25 -4.95
C SER A 109 -6.45 -1.74 -4.86
N THR A 110 -5.57 -0.97 -5.50
CA THR A 110 -5.77 0.48 -5.59
C THR A 110 -5.44 0.92 -7.01
N THR A 111 -6.16 1.90 -7.48
CA THR A 111 -5.90 2.52 -8.79
C THR A 111 -6.08 4.02 -8.62
N ALA A 112 -5.51 4.73 -9.59
CA ALA A 112 -5.62 6.20 -9.70
C ALA A 112 -6.35 6.48 -11.00
N VAL A 113 -7.31 7.37 -10.90
CA VAL A 113 -8.04 7.89 -12.08
C VAL A 113 -7.70 9.38 -12.10
N VAL A 114 -6.92 9.79 -13.09
CA VAL A 114 -6.38 11.17 -13.15
C VAL A 114 -6.95 11.79 -14.41
N THR A 115 -7.83 12.79 -14.27
CA THR A 115 -8.62 13.34 -15.40
C THR A 115 -8.54 14.86 -15.41
N ASN A 116 -8.90 15.48 -16.55
CA ASN A 116 -8.92 16.96 -16.77
C ASN A 116 -10.30 17.41 -17.25
N PRO B 3 10.38 -17.98 5.93
CA PRO B 3 9.18 -17.49 6.62
C PRO B 3 8.56 -16.24 6.01
N LEU B 4 9.31 -15.54 5.15
CA LEU B 4 8.80 -14.34 4.48
C LEU B 4 9.28 -14.37 3.02
N MET B 5 8.34 -14.41 2.09
CA MET B 5 8.64 -14.47 0.65
C MET B 5 7.81 -13.38 -0.03
N VAL B 6 8.37 -12.75 -1.05
CA VAL B 6 7.69 -11.70 -1.82
C VAL B 6 7.66 -12.16 -3.28
N LYS B 7 6.50 -12.07 -3.91
CA LYS B 7 6.30 -12.45 -5.33
C LYS B 7 5.70 -11.25 -6.05
N VAL B 8 6.28 -10.84 -7.16
CA VAL B 8 5.84 -9.63 -7.90
C VAL B 8 5.63 -10.00 -9.35
N LEU B 9 4.47 -9.65 -9.88
CA LEU B 9 4.08 -9.88 -11.28
C LEU B 9 3.81 -8.54 -11.97
N ASP B 10 4.04 -8.53 -13.29
CA ASP B 10 3.82 -7.35 -14.16
C ASP B 10 2.59 -7.61 -15.03
N ALA B 11 1.56 -6.80 -14.84
CA ALA B 11 0.27 -6.93 -15.53
C ALA B 11 0.29 -6.31 -16.94
N VAL B 12 1.36 -5.62 -17.31
CA VAL B 12 1.52 -5.00 -18.65
C VAL B 12 2.16 -6.02 -19.58
N ARG B 13 3.23 -6.66 -19.12
CA ARG B 13 4.04 -7.60 -19.93
C ARG B 13 3.53 -9.03 -19.79
N GLY B 14 2.77 -9.36 -18.74
CA GLY B 14 2.37 -10.74 -18.45
C GLY B 14 3.57 -11.58 -18.10
N SER B 15 4.34 -11.10 -17.14
CA SER B 15 5.65 -11.70 -16.80
C SER B 15 5.88 -11.50 -15.31
N PRO B 16 6.81 -12.27 -14.73
CA PRO B 16 7.36 -11.89 -13.42
C PRO B 16 7.91 -10.46 -13.52
N ALA B 17 7.86 -9.72 -12.42
CA ALA B 17 8.50 -8.40 -12.27
C ALA B 17 9.91 -8.68 -11.70
N ILE B 18 10.90 -8.59 -12.58
CA ILE B 18 12.31 -8.96 -12.29
C ILE B 18 13.05 -7.75 -11.75
N ASN B 19 13.94 -7.97 -10.80
CA ASN B 19 14.87 -6.92 -10.31
C ASN B 19 14.08 -5.79 -9.64
N VAL B 20 13.02 -6.13 -8.95
CA VAL B 20 12.26 -5.17 -8.12
C VAL B 20 12.90 -5.12 -6.72
N ALA B 21 13.29 -3.93 -6.28
CA ALA B 21 13.86 -3.75 -4.93
C ALA B 21 12.73 -3.82 -3.92
N VAL B 22 12.99 -4.54 -2.84
CA VAL B 22 12.03 -4.69 -1.72
C VAL B 22 12.78 -4.37 -0.43
N HIS B 23 12.20 -3.47 0.38
CA HIS B 23 12.74 -3.14 1.72
C HIS B 23 11.70 -3.53 2.78
N VAL B 24 12.14 -4.26 3.80
CA VAL B 24 11.27 -4.65 4.93
C VAL B 24 11.73 -3.87 6.15
N PHE B 25 10.76 -3.28 6.86
CA PHE B 25 10.97 -2.53 8.12
C PHE B 25 10.14 -3.20 9.22
N ARG B 26 10.60 -3.04 10.45
CA ARG B 26 9.87 -3.51 11.65
C ARG B 26 9.68 -2.32 12.58
N LYS B 27 8.49 -2.15 13.11
CA LYS B 27 8.19 -1.02 14.03
C LYS B 27 8.94 -1.27 15.35
N ALA B 28 9.77 -0.29 15.76
CA ALA B 28 10.57 -0.36 17.00
C ALA B 28 9.73 0.11 18.18
N ALA B 29 10.27 -0.09 19.40
CA ALA B 29 9.65 0.35 20.66
C ALA B 29 9.38 1.86 20.61
N ASP B 30 10.21 2.64 19.89
CA ASP B 30 10.13 4.11 19.76
C ASP B 30 9.08 4.51 18.70
N ASP B 31 8.37 3.55 18.09
CA ASP B 31 7.30 3.78 17.07
C ASP B 31 7.90 4.23 15.73
N THR B 32 9.22 4.08 15.51
CA THR B 32 9.90 4.38 14.21
C THR B 32 10.03 3.08 13.41
N TRP B 33 10.29 3.17 12.12
CA TRP B 33 10.49 2.00 11.23
C TRP B 33 11.96 1.64 11.18
N GLU B 34 12.35 0.52 11.80
CA GLU B 34 13.74 0.03 11.81
C GLU B 34 13.95 -0.84 10.55
N PRO B 35 15.03 -0.63 9.79
CA PRO B 35 15.34 -1.53 8.69
C PRO B 35 15.46 -2.96 9.25
N PHE B 36 14.86 -3.92 8.54
CA PHE B 36 14.77 -5.34 8.94
C PHE B 36 15.48 -6.23 7.93
N ALA B 37 15.17 -6.07 6.65
CA ALA B 37 15.81 -6.83 5.58
C ALA B 37 15.46 -6.18 4.24
N SER B 38 16.24 -6.56 3.20
CA SER B 38 15.94 -6.08 1.85
C SER B 38 16.51 -7.04 0.82
N GLY B 39 16.09 -6.85 -0.41
CA GLY B 39 16.59 -7.69 -1.51
C GLY B 39 15.95 -7.28 -2.82
N LYS B 40 16.16 -8.07 -3.86
CA LYS B 40 15.67 -7.82 -5.23
C LYS B 40 14.95 -9.08 -5.70
N THR B 41 13.86 -8.95 -6.44
CA THR B 41 13.21 -10.14 -7.03
C THR B 41 14.12 -10.74 -8.11
N SER B 42 14.04 -12.05 -8.23
CA SER B 42 14.77 -12.88 -9.18
C SER B 42 14.11 -12.84 -10.58
N GLU B 43 14.65 -13.65 -11.49
CA GLU B 43 14.09 -13.86 -12.86
C GLU B 43 12.66 -14.43 -12.76
N SER B 44 12.28 -15.06 -11.64
CA SER B 44 10.91 -15.61 -11.46
C SER B 44 10.02 -14.60 -10.73
N GLY B 45 10.51 -13.40 -10.43
CA GLY B 45 9.74 -12.40 -9.69
C GLY B 45 9.65 -12.71 -8.21
N GLU B 46 10.50 -13.60 -7.71
CA GLU B 46 10.44 -14.03 -6.30
C GLU B 46 11.65 -13.52 -5.52
N LEU B 47 11.42 -13.23 -4.26
CA LEU B 47 12.49 -12.84 -3.32
C LEU B 47 12.34 -13.74 -2.12
N HIS B 48 13.32 -14.61 -2.00
CA HIS B 48 13.52 -15.60 -0.91
C HIS B 48 14.69 -15.12 -0.04
N GLY B 49 14.83 -15.71 1.12
CA GLY B 49 16.01 -15.52 1.96
C GLY B 49 16.04 -14.17 2.65
N LEU B 50 14.90 -13.50 2.82
CA LEU B 50 14.90 -12.19 3.52
C LEU B 50 15.27 -12.35 4.99
N THR B 51 14.77 -13.40 5.63
CA THR B 51 14.89 -13.54 7.09
C THR B 51 14.89 -15.01 7.47
N THR B 52 14.99 -15.26 8.77
CA THR B 52 15.02 -16.60 9.37
C THR B 52 13.88 -16.68 10.37
N GLU B 53 13.49 -17.90 10.74
CA GLU B 53 12.48 -18.08 11.80
C GLU B 53 12.96 -17.38 13.09
N GLU B 54 14.26 -17.42 13.41
CA GLU B 54 14.76 -16.83 14.68
C GLU B 54 14.59 -15.31 14.62
N GLU B 55 14.95 -14.69 13.49
CA GLU B 55 15.02 -13.20 13.43
C GLU B 55 13.62 -12.63 13.25
N PHE B 56 12.71 -13.39 12.62
CA PHE B 56 11.35 -12.93 12.27
C PHE B 56 10.42 -13.12 13.45
N VAL B 57 10.63 -12.27 14.45
CA VAL B 57 9.85 -12.28 15.70
C VAL B 57 8.51 -11.59 15.50
N GLU B 58 7.65 -11.61 16.51
CA GLU B 58 6.42 -10.80 16.52
C GLU B 58 6.76 -9.35 16.20
N GLY B 59 5.86 -8.68 15.53
CA GLY B 59 5.93 -7.22 15.40
C GLY B 59 5.07 -6.75 14.28
N ILE B 60 5.12 -5.45 14.06
CA ILE B 60 4.44 -4.82 12.91
C ILE B 60 5.52 -4.63 11.86
N TYR B 61 5.28 -5.18 10.69
CA TYR B 61 6.24 -5.14 9.57
C TYR B 61 5.66 -4.35 8.40
N LYS B 62 6.55 -3.69 7.70
CA LYS B 62 6.22 -2.94 6.47
C LYS B 62 7.10 -3.50 5.35
N VAL B 63 6.44 -4.02 4.33
CA VAL B 63 7.12 -4.48 3.09
C VAL B 63 6.90 -3.39 2.05
N GLU B 64 7.98 -2.73 1.68
CA GLU B 64 7.98 -1.65 0.68
C GLU B 64 8.52 -2.23 -0.62
N ILE B 65 7.70 -2.23 -1.64
CA ILE B 65 8.05 -2.73 -2.99
C ILE B 65 8.30 -1.49 -3.85
N ASP B 66 9.50 -1.37 -4.40
CA ASP B 66 9.94 -0.13 -5.09
C ASP B 66 9.44 -0.16 -6.52
N THR B 67 8.12 0.03 -6.67
CA THR B 67 7.43 -0.02 -7.96
C THR B 67 7.88 1.13 -8.86
N LYS B 68 8.12 2.32 -8.30
CA LYS B 68 8.50 3.46 -9.18
C LYS B 68 9.85 3.14 -9.83
N SER B 69 10.84 2.70 -9.07
CA SER B 69 12.18 2.36 -9.64
C SER B 69 12.05 1.27 -10.70
N TYR B 70 11.15 0.28 -10.51
CA TYR B 70 10.89 -0.81 -11.48
C TYR B 70 10.41 -0.22 -12.79
N TRP B 71 9.33 0.58 -12.77
CA TRP B 71 8.72 1.16 -13.99
C TRP B 71 9.74 2.11 -14.64
N LYS B 72 10.44 2.92 -13.86
CA LYS B 72 11.39 3.92 -14.43
C LYS B 72 12.53 3.19 -15.12
N ALA B 73 12.97 2.04 -14.61
CA ALA B 73 14.06 1.26 -15.24
C ALA B 73 13.58 0.71 -16.58
N LEU B 74 12.26 0.53 -16.76
CA LEU B 74 11.66 0.08 -18.05
C LEU B 74 11.29 1.28 -18.92
N GLY B 75 11.64 2.48 -18.47
CA GLY B 75 11.39 3.70 -19.26
C GLY B 75 9.96 4.21 -19.14
N ILE B 76 9.25 3.84 -18.08
CA ILE B 76 7.81 4.22 -17.92
C ILE B 76 7.68 5.16 -16.72
N SER B 77 6.79 6.16 -16.82
CA SER B 77 6.53 7.10 -15.70
C SER B 77 5.31 6.61 -14.92
N PRO B 78 5.48 5.99 -13.74
CA PRO B 78 4.35 5.44 -13.02
C PRO B 78 3.71 6.44 -12.04
N PHE B 79 2.57 6.08 -11.49
CA PHE B 79 1.83 6.95 -10.56
C PHE B 79 2.40 6.85 -9.15
N HIS B 80 2.57 5.64 -8.63
CA HIS B 80 2.87 5.44 -7.19
C HIS B 80 4.36 5.55 -6.95
N GLU B 81 4.74 5.94 -5.74
CA GLU B 81 6.16 5.93 -5.33
C GLU B 81 6.60 4.50 -5.07
N HIS B 82 5.74 3.73 -4.40
CA HIS B 82 6.01 2.35 -3.97
C HIS B 82 4.70 1.74 -3.59
N ALA B 83 4.72 0.45 -3.35
CA ALA B 83 3.58 -0.31 -2.79
C ALA B 83 4.03 -0.73 -1.39
N GLU B 84 3.24 -0.39 -0.38
CA GLU B 84 3.57 -0.64 1.05
C GLU B 84 2.57 -1.67 1.53
N VAL B 85 3.06 -2.69 2.21
CA VAL B 85 2.20 -3.73 2.80
C VAL B 85 2.56 -3.77 4.29
N VAL B 86 1.62 -3.38 5.14
CA VAL B 86 1.88 -3.23 6.60
C VAL B 86 0.98 -4.21 7.35
N PHE B 87 1.56 -5.02 8.20
CA PHE B 87 0.84 -6.11 8.88
C PHE B 87 1.55 -6.52 10.15
N THR B 88 0.76 -7.00 11.11
CA THR B 88 1.29 -7.67 12.31
C THR B 88 1.64 -9.11 11.90
N ALA B 89 2.80 -9.60 12.31
CA ALA B 89 3.23 -10.96 12.01
C ALA B 89 3.55 -11.72 13.29
N ASN B 90 3.30 -13.02 13.27
CA ASN B 90 3.81 -14.01 14.25
C ASN B 90 3.22 -13.76 15.63
N ASP B 91 2.07 -13.11 15.70
CA ASP B 91 1.48 -12.74 17.01
C ASP B 91 0.76 -13.95 17.64
N SER B 92 0.50 -15.02 16.88
CA SER B 92 -0.06 -16.30 17.41
C SER B 92 0.97 -17.42 17.22
N GLY B 93 2.25 -17.07 17.19
CA GLY B 93 3.34 -17.99 16.92
C GLY B 93 3.81 -17.85 15.49
N PRO B 94 4.88 -18.57 15.11
CA PRO B 94 5.47 -18.46 13.78
C PRO B 94 4.47 -18.88 12.70
N ARG B 95 4.41 -18.06 11.66
CA ARG B 95 3.70 -18.36 10.41
C ARG B 95 4.65 -18.10 9.23
N ARG B 96 4.31 -18.68 8.09
CA ARG B 96 4.98 -18.37 6.80
C ARG B 96 4.10 -17.41 6.02
N TYR B 97 4.69 -16.32 5.56
CA TYR B 97 3.98 -15.24 4.85
C TYR B 97 4.53 -15.16 3.44
N THR B 98 3.63 -15.22 2.47
CA THR B 98 3.91 -14.81 1.08
C THR B 98 3.14 -13.52 0.80
N ILE B 99 3.87 -12.48 0.44
CA ILE B 99 3.30 -11.17 0.03
C ILE B 99 3.39 -11.12 -1.49
N ALA B 100 2.26 -11.16 -2.16
CA ALA B 100 2.23 -11.12 -3.63
C ALA B 100 1.73 -9.76 -4.07
N ALA B 101 2.28 -9.25 -5.16
CA ALA B 101 1.88 -7.97 -5.73
C ALA B 101 1.79 -8.10 -7.24
N LEU B 102 0.76 -7.50 -7.79
CA LEU B 102 0.50 -7.42 -9.25
C LEU B 102 0.52 -5.97 -9.64
N LEU B 103 1.44 -5.59 -10.53
CA LEU B 103 1.75 -4.18 -10.83
C LEU B 103 1.26 -3.73 -12.21
N SER B 104 0.70 -2.53 -12.23
CA SER B 104 0.42 -1.73 -13.45
C SER B 104 0.95 -0.33 -13.21
N PRO B 105 1.13 0.50 -14.26
CA PRO B 105 1.69 1.81 -14.01
C PRO B 105 0.86 2.69 -13.07
N TYR B 106 -0.48 2.58 -13.10
CA TYR B 106 -1.37 3.43 -12.28
C TYR B 106 -2.13 2.61 -11.24
N SER B 107 -1.73 1.36 -10.98
CA SER B 107 -2.50 0.47 -10.09
C SER B 107 -1.63 -0.62 -9.54
N TYR B 108 -1.98 -1.15 -8.38
CA TYR B 108 -1.41 -2.43 -7.95
C TYR B 108 -2.40 -3.13 -7.03
N SER B 109 -2.26 -4.44 -6.98
CA SER B 109 -3.01 -5.33 -6.09
C SER B 109 -1.98 -6.05 -5.23
N THR B 110 -2.30 -6.29 -3.98
CA THR B 110 -1.47 -7.12 -3.13
C THR B 110 -2.35 -8.07 -2.36
N THR B 111 -1.85 -9.26 -2.11
CA THR B 111 -2.50 -10.25 -1.25
C THR B 111 -1.46 -10.94 -0.40
N ALA B 112 -1.92 -11.53 0.68
CA ALA B 112 -1.09 -12.31 1.60
C ALA B 112 -1.57 -13.75 1.57
N VAL B 113 -0.60 -14.66 1.58
CA VAL B 113 -0.85 -16.08 1.85
C VAL B 113 -0.11 -16.40 3.14
N VAL B 114 -0.87 -16.84 4.13
CA VAL B 114 -0.34 -17.08 5.50
C VAL B 114 -0.60 -18.56 5.80
N THR B 115 0.47 -19.30 6.08
CA THR B 115 0.40 -20.75 6.37
C THR B 115 1.08 -21.04 7.71
N ASN B 116 0.61 -22.08 8.37
CA ASN B 116 1.14 -22.53 9.67
C ASN B 116 2.06 -23.73 9.37
N PRO B 117 3.40 -23.62 9.59
CA PRO B 117 4.33 -24.68 9.20
C PRO B 117 4.19 -25.97 10.01
C1 9PS C . -16.23 4.41 -9.14
C2 9PS C . -16.85 3.24 -9.16
C3 9PS C . -16.13 2.04 -9.15
C7 9PS C . -14.05 5.69 -9.06
C8 9PS C . -14.78 6.87 -9.06
C9 9PS C . -16.16 6.87 -9.09
C10 9PS C . -16.88 5.67 -9.12
C15 9PS C . -13.94 0.81 -9.10
C16 9PS C . -12.66 0.86 -8.86
C19 9PS C . -11.47 -2.74 -9.21
C20 9PS C . -10.25 -2.68 -8.57
C21 9PS C . -9.80 -1.45 -8.10
C22 9PS C . -10.57 -0.31 -8.20
O23 9PS C . -9.37 -3.73 -8.49
O24 9PS C . -8.60 -1.33 -7.52
C18 9PS C . -12.26 -1.58 -9.29
C17 9PS C . -11.81 -0.37 -8.79
C4 9PS C . -14.73 2.07 -9.11
C5 9PS C . -14.03 3.28 -9.10
C6 9PS C . -14.72 4.47 -9.11
C1 9PS D . 2.01 -17.54 -7.12
C2 9PS D . 1.34 -17.11 -8.24
C3 9PS D . 0.57 -15.95 -8.20
C7 9PS D . 2.56 -17.19 -4.73
C8 9PS D . 3.33 -18.35 -4.78
C9 9PS D . 3.44 -19.09 -5.96
C10 9PS D . 2.79 -18.70 -7.13
C15 9PS D . -0.42 -14.00 -6.99
C16 9PS D . -1.19 -13.69 -8.04
C19 9PS D . -3.99 -11.31 -8.95
C20 9PS D . -3.84 -10.29 -7.96
C21 9PS D . -2.84 -10.39 -7.06
C22 9PS D . -1.96 -11.49 -7.08
O23 9PS D . -4.72 -9.23 -8.04
O24 9PS D . -2.73 -9.41 -6.10
C18 9PS D . -3.13 -12.39 -8.96
C17 9PS D . -2.10 -12.50 -8.03
C4 9PS D . 0.43 -15.22 -7.02
C5 9PS D . 1.10 -15.62 -5.86
C6 9PS D . 1.88 -16.77 -5.87
#